data_9FCL
#
_entry.id   9FCL
#
_cell.length_a   101.540
_cell.length_b   101.540
_cell.length_c   49.860
_cell.angle_alpha   90.00
_cell.angle_beta   90.00
_cell.angle_gamma   90.00
#
_symmetry.space_group_name_H-M   'P 4 21 2'
#
loop_
_entity.id
_entity.type
_entity.pdbx_description
1 polymer 'SAM-dependent methyltransferase'
2 non-polymer S-ADENOSYLMETHIONINE
3 non-polymer 'CALCIUM ION'
4 non-polymer 1,2-ETHANEDIOL
5 non-polymer DI(HYDROXYETHYL)ETHER
6 water water
#
_entity_poly.entity_id   1
_entity_poly.type   'polypeptide(L)'
_entity_poly.pdbx_seq_one_letter_code
;GSTYDALRRQLIPSFDLLYGSAVSVVAMSVPATARILDLGAGTGLLGAALRERLPDAELLLQDRSQAMLEQARQRFADDD
QVAIRVADHLDELPAGPFDAVVSALSIHHLEHQDKQDLFTRIRKILRPGGIFVNVEQVLAPTSELEKMYDRQHEAHVLAS
DTPAEEWAAGRERMKHDIPIDVETQIQWLRDAGFTTADCLAKDWRFATYAGWNGS
;
_entity_poly.pdbx_strand_id   A
#
# COMPACT_ATOMS: atom_id res chain seq x y z
N THR A 3 7.85 6.42 6.95
CA THR A 3 8.67 7.19 7.95
C THR A 3 9.59 6.22 8.68
N TYR A 4 10.32 6.65 9.73
CA TYR A 4 11.33 5.83 10.44
C TYR A 4 10.72 4.46 10.80
N ASP A 5 11.43 3.39 10.47
CA ASP A 5 10.90 2.01 10.32
C ASP A 5 10.39 1.47 11.67
N ALA A 6 11.10 1.74 12.77
CA ALA A 6 10.74 1.30 14.13
C ALA A 6 9.39 1.92 14.55
N LEU A 7 9.16 3.21 14.25
CA LEU A 7 7.88 3.90 14.56
C LEU A 7 6.73 3.26 13.76
N ARG A 8 6.94 3.00 12.48
CA ARG A 8 5.89 2.40 11.61
C ARG A 8 5.41 1.07 12.19
N ARG A 9 6.30 0.25 12.74
CA ARG A 9 5.95 -1.08 13.32
C ARG A 9 5.17 -0.88 14.62
N GLN A 10 5.44 0.21 15.36
CA GLN A 10 4.70 0.57 16.59
C GLN A 10 3.27 0.98 16.23
N LEU A 11 3.10 1.69 15.12
CA LEU A 11 1.80 2.30 14.71
C LEU A 11 0.96 1.29 13.92
N ILE A 12 1.58 0.30 13.27
CA ILE A 12 0.86 -0.61 12.30
C ILE A 12 0.87 -2.03 12.85
N PRO A 13 -0.29 -2.56 13.32
CA PRO A 13 -0.38 -3.95 13.77
C PRO A 13 -0.03 -4.92 12.65
N SER A 14 0.64 -6.01 12.99
CA SER A 14 0.96 -7.12 12.05
C SER A 14 1.73 -6.60 10.84
N PHE A 15 2.66 -5.67 11.06
CA PHE A 15 3.48 -5.05 9.98
C PHE A 15 4.09 -6.15 9.11
N ASP A 16 4.76 -7.12 9.72
CA ASP A 16 5.51 -8.18 9.00
C ASP A 16 4.53 -9.08 8.23
N LEU A 17 3.40 -9.44 8.85
CA LEU A 17 2.37 -10.26 8.17
C LEU A 17 1.85 -9.50 6.94
N LEU A 18 1.52 -8.22 7.10
CA LEU A 18 0.79 -7.46 6.05
C LEU A 18 1.76 -7.08 4.92
N TYR A 19 2.94 -6.53 5.24
CA TYR A 19 3.95 -6.13 4.21
C TYR A 19 4.56 -7.40 3.61
N GLY A 20 4.83 -8.41 4.44
CA GLY A 20 5.33 -9.73 4.03
C GLY A 20 4.39 -10.42 3.06
N SER A 21 3.07 -10.35 3.30
CA SER A 21 2.04 -10.96 2.41
C SER A 21 2.08 -10.27 1.05
N ALA A 22 2.25 -8.95 1.03
CA ALA A 22 2.35 -8.15 -0.21
C ALA A 22 3.55 -8.62 -1.03
N VAL A 23 4.71 -8.76 -0.38
CA VAL A 23 5.97 -9.19 -1.03
C VAL A 23 5.79 -10.62 -1.56
N SER A 24 5.24 -11.51 -0.73
CA SER A 24 5.06 -12.94 -1.06
C SER A 24 4.13 -13.09 -2.27
N VAL A 25 2.98 -12.40 -2.28
CA VAL A 25 1.98 -12.57 -3.37
C VAL A 25 2.58 -12.03 -4.69
N VAL A 26 3.34 -10.92 -4.64
CA VAL A 26 4.08 -10.40 -5.82
C VAL A 26 5.07 -11.46 -6.31
N ALA A 27 5.91 -12.01 -5.42
CA ALA A 27 6.98 -12.96 -5.78
C ALA A 27 6.39 -14.23 -6.41
N MET A 28 5.17 -14.62 -6.05
CA MET A 28 4.50 -15.84 -6.57
C MET A 28 3.71 -15.50 -7.84
N SER A 29 3.59 -14.21 -8.21
CA SER A 29 2.71 -13.74 -9.32
C SER A 29 3.50 -13.23 -10.53
N VAL A 30 4.75 -12.77 -10.32
CA VAL A 30 5.55 -12.04 -11.36
C VAL A 30 6.98 -12.59 -11.40
N PRO A 31 7.70 -12.40 -12.53
CA PRO A 31 9.08 -12.87 -12.65
C PRO A 31 10.07 -12.07 -11.79
N ALA A 32 11.26 -12.64 -11.56
CA ALA A 32 12.40 -12.00 -10.86
C ALA A 32 12.67 -10.60 -11.44
N THR A 33 12.48 -10.42 -12.74
CA THR A 33 12.82 -9.19 -13.50
C THR A 33 11.57 -8.30 -13.67
N ALA A 34 10.59 -8.43 -12.78
CA ALA A 34 9.32 -7.68 -12.80
C ALA A 34 9.59 -6.18 -12.82
N ARG A 35 8.77 -5.45 -13.58
CA ARG A 35 8.65 -3.97 -13.55
C ARG A 35 7.54 -3.66 -12.54
N ILE A 36 7.88 -2.94 -11.47
CA ILE A 36 6.96 -2.70 -10.31
C ILE A 36 6.82 -1.19 -10.12
N LEU A 37 5.58 -0.71 -10.02
CA LEU A 37 5.23 0.68 -9.61
C LEU A 37 4.79 0.63 -8.14
N ASP A 38 5.47 1.39 -7.27
CA ASP A 38 5.04 1.59 -5.85
C ASP A 38 4.31 2.94 -5.78
N LEU A 39 2.98 2.91 -5.65
CA LEU A 39 2.11 4.12 -5.63
C LEU A 39 2.06 4.66 -4.21
N GLY A 40 2.35 5.96 -4.02
CA GLY A 40 2.39 6.55 -2.68
C GLY A 40 3.49 5.91 -1.85
N ALA A 41 4.67 5.76 -2.47
CA ALA A 41 5.84 5.02 -1.95
C ALA A 41 6.34 5.62 -0.62
N GLY A 42 6.05 6.89 -0.33
CA GLY A 42 6.55 7.56 0.88
C GLY A 42 8.06 7.44 0.95
N THR A 43 8.59 6.94 2.08
CA THR A 43 10.05 6.74 2.29
C THR A 43 10.51 5.43 1.61
N GLY A 44 9.62 4.70 0.94
CA GLY A 44 9.96 3.53 0.11
C GLY A 44 10.00 2.22 0.89
N LEU A 45 9.25 2.11 1.99
CA LEU A 45 9.26 0.91 2.87
C LEU A 45 8.79 -0.33 2.09
N LEU A 46 7.68 -0.24 1.35
CA LEU A 46 7.15 -1.40 0.59
C LEU A 46 8.12 -1.75 -0.55
N GLY A 47 8.63 -0.74 -1.28
CA GLY A 47 9.64 -0.93 -2.33
C GLY A 47 10.88 -1.65 -1.80
N ALA A 48 11.37 -1.25 -0.62
CA ALA A 48 12.52 -1.86 0.07
C ALA A 48 12.25 -3.34 0.39
N ALA A 49 11.04 -3.64 0.89
CA ALA A 49 10.62 -5.01 1.22
C ALA A 49 10.62 -5.85 -0.05
N LEU A 50 10.15 -5.29 -1.17
CA LEU A 50 10.14 -5.98 -2.49
C LEU A 50 11.58 -6.19 -2.98
N ARG A 51 12.43 -5.18 -2.92
CA ARG A 51 13.86 -5.26 -3.35
C ARG A 51 14.57 -6.38 -2.60
N GLU A 52 14.29 -6.53 -1.29
CA GLU A 52 14.91 -7.58 -0.44
C GLU A 52 14.63 -8.96 -1.04
N ARG A 53 13.41 -9.16 -1.56
CA ARG A 53 12.96 -10.46 -2.11
C ARG A 53 13.32 -10.58 -3.59
N LEU A 54 13.30 -9.46 -4.32
CA LEU A 54 13.44 -9.40 -5.81
C LEU A 54 14.58 -8.46 -6.16
N PRO A 55 15.85 -8.90 -6.01
CA PRO A 55 17.00 -8.04 -6.28
C PRO A 55 17.09 -7.52 -7.73
N ASP A 56 16.47 -8.22 -8.70
CA ASP A 56 16.59 -7.90 -10.14
C ASP A 56 15.33 -7.20 -10.66
N ALA A 57 14.37 -6.87 -9.79
CA ALA A 57 13.14 -6.15 -10.19
C ALA A 57 13.49 -4.68 -10.49
N GLU A 58 12.83 -4.10 -11.49
CA GLU A 58 12.85 -2.63 -11.74
C GLU A 58 11.76 -1.99 -10.88
N LEU A 59 12.13 -1.07 -10.00
CA LEU A 59 11.21 -0.34 -9.10
C LEU A 59 11.08 1.12 -9.56
N LEU A 60 9.85 1.57 -9.74
CA LEU A 60 9.50 3.00 -9.88
C LEU A 60 8.70 3.40 -8.63
N LEU A 61 9.26 4.31 -7.84
CA LEU A 61 8.65 4.82 -6.59
C LEU A 61 7.97 6.15 -6.94
N GLN A 62 6.67 6.26 -6.66
CA GLN A 62 5.88 7.44 -7.00
C GLN A 62 5.19 7.97 -5.75
N ASP A 63 5.21 9.29 -5.56
CA ASP A 63 4.55 9.96 -4.42
C ASP A 63 4.38 11.43 -4.79
N ARG A 64 3.43 12.12 -4.18
CA ARG A 64 3.22 13.56 -4.42
C ARG A 64 4.22 14.37 -3.58
N SER A 65 4.81 13.78 -2.53
CA SER A 65 5.69 14.48 -1.56
C SER A 65 7.17 14.27 -1.90
N GLN A 66 7.85 15.34 -2.28
CA GLN A 66 9.31 15.38 -2.53
C GLN A 66 10.06 15.08 -1.22
N ALA A 67 9.57 15.59 -0.09
CA ALA A 67 10.16 15.38 1.26
C ALA A 67 10.16 13.89 1.60
N MET A 68 9.04 13.20 1.36
CA MET A 68 8.94 11.73 1.57
C MET A 68 9.91 11.01 0.62
N LEU A 69 9.92 11.39 -0.66
CA LEU A 69 10.75 10.72 -1.70
C LEU A 69 12.24 10.99 -1.46
N GLU A 70 12.61 12.10 -0.82
CA GLU A 70 14.01 12.39 -0.41
C GLU A 70 14.49 11.24 0.50
N GLN A 71 13.65 10.76 1.42
CA GLN A 71 13.97 9.64 2.34
C GLN A 71 14.12 8.34 1.54
N ALA A 72 13.24 8.12 0.54
CA ALA A 72 13.31 6.95 -0.37
C ALA A 72 14.61 7.01 -1.19
N ARG A 73 14.99 8.21 -1.66
CA ARG A 73 16.24 8.43 -2.44
C ARG A 73 17.44 8.01 -1.59
N GLN A 74 17.47 8.43 -0.32
CA GLN A 74 18.55 8.07 0.64
C GLN A 74 18.56 6.55 0.85
N ARG A 75 17.38 5.95 1.02
CA ARG A 75 17.22 4.49 1.26
C ARG A 75 17.77 3.70 0.07
N PHE A 76 17.61 4.22 -1.16
CA PHE A 76 17.97 3.55 -2.44
C PHE A 76 19.12 4.25 -3.16
N ALA A 77 20.00 4.93 -2.43
CA ALA A 77 21.08 5.79 -2.98
C ALA A 77 21.95 5.00 -3.97
N ASP A 78 22.31 3.75 -3.65
CA ASP A 78 23.30 2.94 -4.42
C ASP A 78 22.59 1.98 -5.38
N ASP A 79 21.26 2.00 -5.46
CA ASP A 79 20.43 1.01 -6.21
C ASP A 79 20.21 1.49 -7.65
N ASP A 80 20.75 0.77 -8.64
CA ASP A 80 20.75 1.19 -10.07
C ASP A 80 19.43 0.82 -10.75
N GLN A 81 18.54 0.08 -10.07
CA GLN A 81 17.27 -0.40 -10.67
C GLN A 81 16.07 0.28 -10.00
N VAL A 82 16.28 1.46 -9.40
CA VAL A 82 15.19 2.25 -8.75
C VAL A 82 15.12 3.62 -9.41
N ALA A 83 13.92 4.03 -9.80
CA ALA A 83 13.59 5.37 -10.33
C ALA A 83 12.54 6.01 -9.41
N ILE A 84 12.51 7.33 -9.39
CA ILE A 84 11.55 8.13 -8.56
C ILE A 84 10.73 8.98 -9.51
N ARG A 85 9.41 9.01 -9.31
CA ARG A 85 8.49 9.92 -10.03
C ARG A 85 7.71 10.73 -9.00
N VAL A 86 7.73 12.07 -9.12
CA VAL A 86 6.88 12.95 -8.30
C VAL A 86 5.53 13.09 -9.03
N ALA A 87 4.46 12.51 -8.47
CA ALA A 87 3.11 12.62 -9.05
C ALA A 87 2.04 12.29 -8.01
N ASP A 88 0.91 12.99 -8.09
CA ASP A 88 -0.33 12.67 -7.34
C ASP A 88 -0.93 11.39 -7.94
N HIS A 89 -1.68 10.63 -7.14
CA HIS A 89 -2.48 9.46 -7.60
C HIS A 89 -3.45 9.91 -8.71
N LEU A 90 -3.89 11.17 -8.67
CA LEU A 90 -4.89 11.74 -9.60
C LEU A 90 -4.20 12.30 -10.85
N ASP A 91 -2.88 12.38 -10.87
CA ASP A 91 -2.09 12.72 -12.09
C ASP A 91 -2.05 11.49 -13.00
N GLU A 92 -1.75 11.69 -14.28
CA GLU A 92 -1.60 10.59 -15.26
C GLU A 92 -0.60 9.57 -14.69
N LEU A 93 -0.95 8.28 -14.69
CA LEU A 93 -0.02 7.20 -14.26
C LEU A 93 1.07 7.05 -15.30
N PRO A 94 2.26 6.54 -14.91
CA PRO A 94 3.31 6.25 -15.87
C PRO A 94 2.82 5.13 -16.79
N ALA A 95 3.19 5.18 -18.07
CA ALA A 95 2.69 4.30 -19.15
C ALA A 95 2.95 2.83 -18.80
N GLY A 96 4.14 2.51 -18.27
CA GLY A 96 4.57 1.11 -18.12
C GLY A 96 4.72 0.46 -19.50
N PRO A 97 4.31 -0.81 -19.73
CA PRO A 97 3.51 -1.58 -18.77
C PRO A 97 4.29 -2.08 -17.56
N PHE A 98 3.55 -2.47 -16.52
CA PHE A 98 4.11 -3.02 -15.25
C PHE A 98 3.59 -4.43 -15.05
N ASP A 99 4.40 -5.25 -14.39
CA ASP A 99 4.04 -6.62 -13.95
C ASP A 99 3.23 -6.51 -12.65
N ALA A 100 3.55 -5.52 -11.83
CA ALA A 100 2.88 -5.31 -10.52
C ALA A 100 2.79 -3.81 -10.25
N VAL A 101 1.66 -3.42 -9.69
CA VAL A 101 1.48 -2.08 -9.08
C VAL A 101 1.12 -2.34 -7.61
N VAL A 102 1.89 -1.75 -6.70
CA VAL A 102 1.73 -2.00 -5.24
C VAL A 102 1.53 -0.64 -4.56
N SER A 103 0.91 -0.67 -3.39
CA SER A 103 0.63 0.53 -2.58
C SER A 103 0.51 0.11 -1.13
N ALA A 104 0.92 0.98 -0.21
CA ALA A 104 0.73 0.76 1.24
C ALA A 104 0.25 2.07 1.87
N LEU A 105 -0.93 2.04 2.50
CA LEU A 105 -1.42 3.07 3.44
C LEU A 105 -1.46 4.44 2.76
N SER A 106 -1.92 4.50 1.52
CA SER A 106 -1.92 5.74 0.69
C SER A 106 -3.30 5.97 0.08
N ILE A 107 -3.92 4.93 -0.49
CA ILE A 107 -5.14 5.07 -1.33
C ILE A 107 -6.33 5.47 -0.43
N HIS A 108 -6.28 5.20 0.88
CA HIS A 108 -7.37 5.57 1.82
C HIS A 108 -7.43 7.09 2.01
N HIS A 109 -6.51 7.86 1.41
CA HIS A 109 -6.52 9.35 1.42
C HIS A 109 -7.34 9.90 0.26
N LEU A 110 -7.79 9.07 -0.68
CA LEU A 110 -8.60 9.51 -1.84
C LEU A 110 -10.09 9.42 -1.49
N GLU A 111 -10.91 10.30 -2.08
CA GLU A 111 -12.39 10.15 -2.13
C GLU A 111 -12.71 8.81 -2.79
N HIS A 112 -13.81 8.18 -2.41
CA HIS A 112 -14.20 6.82 -2.88
C HIS A 112 -14.25 6.77 -4.42
N GLN A 113 -14.84 7.78 -5.06
CA GLN A 113 -14.98 7.81 -6.54
C GLN A 113 -13.59 7.76 -7.16
N ASP A 114 -12.63 8.44 -6.54
CA ASP A 114 -11.22 8.54 -7.01
C ASP A 114 -10.51 7.19 -6.82
N LYS A 115 -10.83 6.44 -5.76
CA LYS A 115 -10.32 5.06 -5.54
C LYS A 115 -10.79 4.18 -6.70
N GLN A 116 -12.09 4.22 -7.02
CA GLN A 116 -12.72 3.36 -8.06
C GLN A 116 -12.09 3.66 -9.42
N ASP A 117 -11.93 4.94 -9.75
CA ASP A 117 -11.28 5.39 -11.01
C ASP A 117 -9.81 4.96 -10.99
N LEU A 118 -9.11 5.10 -9.87
CA LEU A 118 -7.67 4.75 -9.78
C LEU A 118 -7.50 3.26 -10.10
N PHE A 119 -8.34 2.39 -9.52
CA PHE A 119 -8.26 0.92 -9.73
C PHE A 119 -8.35 0.63 -11.23
N THR A 120 -9.27 1.29 -11.92
CA THR A 120 -9.46 1.15 -13.39
C THR A 120 -8.20 1.63 -14.13
N ARG A 121 -7.67 2.79 -13.74
CA ARG A 121 -6.46 3.37 -14.39
C ARG A 121 -5.24 2.47 -14.14
N ILE A 122 -5.13 1.87 -12.95
CA ILE A 122 -4.04 0.92 -12.61
C ILE A 122 -4.14 -0.29 -13.55
N ARG A 123 -5.34 -0.84 -13.76
CA ARG A 123 -5.47 -2.07 -14.58
C ARG A 123 -4.96 -1.79 -16.00
N LYS A 124 -5.08 -0.55 -16.49
CA LYS A 124 -4.70 -0.17 -17.86
C LYS A 124 -3.18 -0.17 -18.04
N ILE A 125 -2.40 -0.01 -16.98
CA ILE A 125 -0.91 0.02 -17.08
C ILE A 125 -0.32 -1.34 -16.68
N LEU A 126 -1.14 -2.29 -16.28
CA LEU A 126 -0.73 -3.67 -15.91
C LEU A 126 -0.68 -4.56 -17.16
N ARG A 127 0.34 -5.41 -17.27
CA ARG A 127 0.37 -6.48 -18.30
C ARG A 127 -0.79 -7.45 -18.01
N PRO A 128 -1.23 -8.24 -19.00
CA PRO A 128 -2.18 -9.34 -18.75
C PRO A 128 -1.59 -10.27 -17.69
N GLY A 129 -2.39 -10.65 -16.69
CA GLY A 129 -1.94 -11.47 -15.54
C GLY A 129 -1.21 -10.65 -14.49
N GLY A 130 -1.03 -9.35 -14.73
CA GLY A 130 -0.36 -8.42 -13.80
C GLY A 130 -1.11 -8.31 -12.49
N ILE A 131 -0.42 -7.96 -11.40
CA ILE A 131 -1.03 -7.93 -10.04
C ILE A 131 -1.05 -6.49 -9.50
N PHE A 132 -2.16 -6.12 -8.86
CA PHE A 132 -2.27 -4.93 -7.99
C PHE A 132 -2.37 -5.40 -6.54
N VAL A 133 -1.52 -4.88 -5.66
CA VAL A 133 -1.53 -5.23 -4.21
C VAL A 133 -1.67 -3.93 -3.41
N ASN A 134 -2.54 -3.96 -2.40
CA ASN A 134 -2.74 -2.82 -1.47
C ASN A 134 -2.61 -3.34 -0.03
N VAL A 135 -1.64 -2.79 0.71
CA VAL A 135 -1.54 -2.90 2.19
C VAL A 135 -2.26 -1.68 2.75
N GLU A 136 -3.43 -1.88 3.33
CA GLU A 136 -4.40 -0.75 3.46
C GLU A 136 -4.97 -0.65 4.88
N GLN A 137 -5.25 0.59 5.27
CA GLN A 137 -6.11 0.91 6.43
C GLN A 137 -7.56 0.82 5.97
N VAL A 138 -8.35 -0.06 6.59
CA VAL A 138 -9.76 -0.36 6.17
C VAL A 138 -10.72 0.02 7.30
N LEU A 139 -11.95 0.34 6.94
CA LEU A 139 -13.06 0.63 7.87
C LEU A 139 -13.73 -0.69 8.23
N ALA A 140 -14.26 -0.80 9.46
CA ALA A 140 -15.16 -1.91 9.84
C ALA A 140 -16.46 -1.75 9.07
N PRO A 141 -17.22 -2.85 8.83
CA PRO A 141 -18.51 -2.75 8.12
C PRO A 141 -19.66 -2.10 8.92
N THR A 142 -19.48 -1.86 10.22
CA THR A 142 -20.46 -1.14 11.09
C THR A 142 -19.73 -0.21 12.06
N SER A 143 -20.43 0.80 12.58
CA SER A 143 -19.89 1.75 13.59
C SER A 143 -19.51 1.00 14.87
N GLU A 144 -20.29 -0.02 15.24
CA GLU A 144 -20.01 -0.82 16.47
C GLU A 144 -18.72 -1.62 16.27
N LEU A 145 -18.53 -2.23 15.10
CA LEU A 145 -17.28 -2.98 14.82
C LEU A 145 -16.12 -1.98 14.66
N GLU A 146 -16.37 -0.76 14.16
CA GLU A 146 -15.32 0.28 14.00
C GLU A 146 -14.73 0.62 15.37
N LYS A 147 -15.56 0.70 16.42
CA LYS A 147 -15.08 0.95 17.81
C LYS A 147 -14.14 -0.18 18.23
N MET A 148 -14.53 -1.42 17.95
CA MET A 148 -13.71 -2.62 18.27
C MET A 148 -12.39 -2.58 17.49
N TYR A 149 -12.45 -2.27 16.19
CA TYR A 149 -11.23 -2.08 15.36
C TYR A 149 -10.33 -1.03 16.02
N ASP A 150 -10.92 0.08 16.46
CA ASP A 150 -10.16 1.19 17.08
C ASP A 150 -9.47 0.70 18.36
N ARG A 151 -10.18 -0.04 19.21
CA ARG A 151 -9.64 -0.59 20.48
C ARG A 151 -8.46 -1.52 20.19
N GLN A 152 -8.59 -2.37 19.16
CA GLN A 152 -7.54 -3.34 18.78
C GLN A 152 -6.32 -2.59 18.24
N HIS A 153 -6.52 -1.53 17.46
CA HIS A 153 -5.40 -0.70 16.94
C HIS A 153 -4.68 -0.07 18.13
N GLU A 154 -5.42 0.61 19.01
CA GLU A 154 -4.82 1.26 20.19
C GLU A 154 -4.09 0.23 21.05
N ALA A 155 -4.64 -0.98 21.22
CA ALA A 155 -4.03 -2.06 22.04
C ALA A 155 -2.62 -2.36 21.53
N HIS A 156 -2.46 -2.49 20.21
CA HIS A 156 -1.14 -2.71 19.56
C HIS A 156 -0.23 -1.52 19.85
N VAL A 157 -0.72 -0.29 19.65
CA VAL A 157 0.09 0.95 19.79
C VAL A 157 0.63 1.03 21.22
N LEU A 158 -0.22 0.81 22.24
CA LEU A 158 0.17 0.90 23.67
C LEU A 158 1.14 -0.24 24.02
N ALA A 159 0.84 -1.47 23.59
CA ALA A 159 1.69 -2.66 23.86
C ALA A 159 3.07 -2.50 23.20
N SER A 160 3.16 -1.65 22.16
CA SER A 160 4.41 -1.39 21.40
C SER A 160 5.22 -0.25 22.05
N ASP A 161 4.77 0.28 23.19
CA ASP A 161 5.45 1.37 23.94
C ASP A 161 5.69 2.55 22.99
N THR A 162 4.67 2.96 22.25
CA THR A 162 4.70 4.10 21.31
C THR A 162 4.74 5.40 22.10
N PRO A 163 5.63 6.36 21.76
CA PRO A 163 5.58 7.69 22.35
C PRO A 163 4.18 8.29 22.24
N ALA A 164 3.64 8.82 23.35
CA ALA A 164 2.28 9.41 23.42
C ALA A 164 2.12 10.48 22.34
N GLU A 165 3.17 11.28 22.10
CA GLU A 165 3.14 12.42 21.14
C GLU A 165 3.05 11.89 19.70
N GLU A 166 3.63 10.73 19.41
CA GLU A 166 3.58 10.11 18.05
C GLU A 166 2.21 9.47 17.81
N TRP A 167 1.56 8.93 18.85
CA TRP A 167 0.21 8.34 18.74
C TRP A 167 -0.83 9.46 18.59
N ALA A 168 -0.67 10.54 19.35
CA ALA A 168 -1.52 11.77 19.29
C ALA A 168 -1.42 12.38 17.88
N ALA A 169 -0.21 12.48 17.35
CA ALA A 169 0.08 12.94 15.96
C ALA A 169 -0.57 11.96 14.97
N GLY A 170 -0.46 10.65 15.22
CA GLY A 170 -1.11 9.59 14.42
C GLY A 170 -2.62 9.77 14.37
N ARG A 171 -3.25 10.01 15.52
CA ARG A 171 -4.70 10.31 15.66
C ARG A 171 -5.07 11.50 14.78
N GLU A 172 -4.26 12.57 14.81
CA GLU A 172 -4.51 13.83 14.06
C GLU A 172 -4.46 13.54 12.55
N ARG A 173 -3.43 12.83 12.08
CA ARG A 173 -3.26 12.45 10.65
C ARG A 173 -4.49 11.64 10.19
N MET A 174 -5.04 10.81 11.07
CA MET A 174 -6.16 9.86 10.74
C MET A 174 -7.49 10.59 10.60
N LYS A 175 -7.58 11.86 11.05
CA LYS A 175 -8.84 12.66 10.98
C LYS A 175 -9.26 12.85 9.52
N HIS A 176 -8.30 12.93 8.60
CA HIS A 176 -8.54 13.19 7.14
C HIS A 176 -8.37 11.90 6.33
N ASP A 177 -8.46 10.74 6.98
CA ASP A 177 -8.56 9.42 6.30
C ASP A 177 -9.96 9.26 5.69
N ILE A 178 -10.05 8.57 4.56
CA ILE A 178 -11.35 8.20 3.91
C ILE A 178 -11.34 6.69 3.66
N PRO A 179 -11.23 5.87 4.73
CA PRO A 179 -11.21 4.42 4.57
C PRO A 179 -12.59 3.87 4.19
N ILE A 180 -12.61 2.63 3.69
CA ILE A 180 -13.84 1.84 3.44
C ILE A 180 -13.51 0.39 3.78
N ASP A 181 -14.52 -0.46 3.95
CA ASP A 181 -14.32 -1.88 4.35
C ASP A 181 -13.58 -2.62 3.23
N VAL A 182 -12.90 -3.71 3.58
CA VAL A 182 -12.04 -4.46 2.63
C VAL A 182 -12.92 -5.09 1.53
N GLU A 183 -14.10 -5.62 1.88
CA GLU A 183 -14.97 -6.34 0.90
C GLU A 183 -15.45 -5.36 -0.19
N THR A 184 -15.77 -4.11 0.17
CA THR A 184 -16.20 -3.06 -0.80
C THR A 184 -15.06 -2.77 -1.78
N GLN A 185 -13.85 -2.56 -1.26
CA GLN A 185 -12.64 -2.25 -2.07
C GLN A 185 -12.30 -3.40 -3.02
N ILE A 186 -12.43 -4.64 -2.54
CA ILE A 186 -12.17 -5.86 -3.35
C ILE A 186 -13.20 -5.91 -4.49
N GLN A 187 -14.46 -5.61 -4.20
CA GLN A 187 -15.54 -5.55 -5.23
C GLN A 187 -15.19 -4.47 -6.26
N TRP A 188 -14.65 -3.33 -5.83
CA TRP A 188 -14.21 -2.23 -6.73
C TRP A 188 -13.09 -2.73 -7.66
N LEU A 189 -12.23 -3.66 -7.22
CA LEU A 189 -11.23 -4.30 -8.12
C LEU A 189 -11.95 -5.10 -9.20
N ARG A 190 -13.00 -5.86 -8.85
CA ARG A 190 -13.79 -6.66 -9.81
C ARG A 190 -14.49 -5.71 -10.80
N ASP A 191 -15.10 -4.63 -10.31
CA ASP A 191 -15.74 -3.56 -11.12
C ASP A 191 -14.74 -3.00 -12.13
N ALA A 192 -13.47 -2.83 -11.74
CA ALA A 192 -12.40 -2.25 -12.57
C ALA A 192 -11.93 -3.24 -13.65
N GLY A 193 -12.33 -4.52 -13.54
CA GLY A 193 -12.03 -5.55 -14.55
C GLY A 193 -10.94 -6.51 -14.13
N PHE A 194 -10.51 -6.49 -12.86
CA PHE A 194 -9.63 -7.55 -12.30
C PHE A 194 -10.48 -8.83 -12.22
N THR A 195 -9.96 -9.93 -12.75
CA THR A 195 -10.68 -11.22 -12.92
C THR A 195 -10.65 -12.03 -11.62
N THR A 196 -9.64 -11.81 -10.77
CA THR A 196 -9.53 -12.41 -9.42
C THR A 196 -9.18 -11.31 -8.43
N ALA A 197 -9.78 -11.35 -7.24
CA ALA A 197 -9.43 -10.43 -6.14
C ALA A 197 -9.64 -11.16 -4.82
N ASP A 198 -8.75 -10.94 -3.86
CA ASP A 198 -8.75 -11.67 -2.58
C ASP A 198 -8.14 -10.80 -1.49
N CYS A 199 -8.60 -11.01 -0.27
CA CYS A 199 -7.95 -10.54 0.97
C CYS A 199 -6.97 -11.63 1.44
N LEU A 200 -5.68 -11.35 1.38
CA LEU A 200 -4.61 -12.34 1.69
C LEU A 200 -4.41 -12.40 3.21
N ALA A 201 -4.33 -11.25 3.86
CA ALA A 201 -4.08 -11.15 5.31
C ALA A 201 -4.78 -9.92 5.88
N LYS A 202 -5.12 -10.02 7.16
CA LYS A 202 -5.90 -8.97 7.85
C LYS A 202 -5.62 -9.02 9.34
N ASP A 203 -5.47 -7.85 9.96
CA ASP A 203 -5.42 -7.66 11.43
C ASP A 203 -6.33 -6.47 11.73
N TRP A 204 -7.65 -6.75 11.84
CA TRP A 204 -8.69 -5.77 12.18
C TRP A 204 -8.64 -4.59 11.19
N ARG A 205 -8.14 -3.41 11.60
CA ARG A 205 -8.12 -2.17 10.79
C ARG A 205 -7.17 -2.26 9.57
N PHE A 206 -6.26 -3.23 9.51
CA PHE A 206 -5.21 -3.29 8.47
C PHE A 206 -5.31 -4.61 7.71
N ALA A 207 -5.22 -4.54 6.38
CA ALA A 207 -5.45 -5.69 5.47
C ALA A 207 -4.56 -5.56 4.23
N THR A 208 -4.10 -6.70 3.74
CA THR A 208 -3.41 -6.81 2.43
C THR A 208 -4.35 -7.53 1.47
N TYR A 209 -4.72 -6.88 0.39
CA TYR A 209 -5.60 -7.49 -0.64
C TYR A 209 -4.93 -7.29 -1.99
N ALA A 210 -5.37 -8.06 -2.98
CA ALA A 210 -4.76 -8.04 -4.33
C ALA A 210 -5.83 -8.31 -5.38
N GLY A 211 -5.60 -7.80 -6.59
CA GLY A 211 -6.35 -8.15 -7.80
C GLY A 211 -5.40 -8.59 -8.90
N TRP A 212 -5.80 -9.57 -9.71
CA TRP A 212 -5.03 -10.05 -10.89
C TRP A 212 -5.77 -9.63 -12.15
N ASN A 213 -5.02 -9.12 -13.12
CA ASN A 213 -5.56 -8.57 -14.39
C ASN A 213 -6.01 -9.71 -15.32
N GLY A 214 -5.67 -10.96 -15.04
CA GLY A 214 -6.11 -12.11 -15.88
C GLY A 214 -6.06 -13.43 -15.12
#